data_3GOC
#
_entry.id   3GOC
#
_cell.length_a   123.742
_cell.length_b   40.563
_cell.length_c   107.422
_cell.angle_alpha   90.000
_cell.angle_beta   121.610
_cell.angle_gamma   90.000
#
_symmetry.space_group_name_H-M   'C 1 2 1'
#
loop_
_entity.id
_entity.type
_entity.pdbx_description
1 polymer 'Endonuclease V'
2 non-polymer 'MAGNESIUM ION'
3 non-polymer 'CHLORIDE ION'
4 non-polymer 3-(2-hydroxyethyl)-2,2-bis(hydroxymethyl)pentane-1,5-diol
5 water water
#
_entity_poly.entity_id   1
_entity_poly.type   'polypeptide(L)'
_entity_poly.pdbx_seq_one_letter_code
;(MSE)TTVRIPAGWPATEEEARAVQDELRGRVILDEPGPPPGTGRVTGVDVAYDDERDVVVAAAVVLDAATLDVVAEATA
VGEVSFPYVPGLLAFREIPTVLAALDALPCPPGLIVCDGYGVAHPRRFGLASHLGVLTGLPTIGVAKNPFTFSYEDPGAP
RGSAAPLLAGADEVGRALRTQSGVKPVFVSVGHRVDLDHACAHTLALTPKYRIPETTRRADSLCRRALKEATALEHHHHH
H
;
_entity_poly.pdbx_strand_id   A,B
#
# COMPACT_ATOMS: atom_id res chain seq x y z
N THR A 2 35.59 12.78 8.22
CA THR A 2 34.90 12.19 7.04
C THR A 2 33.71 13.06 6.66
N THR A 3 33.80 14.34 7.02
CA THR A 3 32.73 15.29 6.70
C THR A 3 32.64 15.50 5.19
N VAL A 4 31.43 15.40 4.65
CA VAL A 4 31.21 15.60 3.22
C VAL A 4 31.36 17.07 2.88
N ARG A 5 32.36 17.41 2.05
CA ARG A 5 32.57 18.80 1.70
C ARG A 5 31.66 19.23 0.56
N ILE A 6 31.61 20.53 0.31
CA ILE A 6 30.80 21.07 -0.76
C ILE A 6 31.42 20.59 -2.07
N PRO A 7 30.62 19.96 -2.94
CA PRO A 7 31.10 19.45 -4.23
C PRO A 7 31.84 20.50 -5.05
N ALA A 8 32.87 20.06 -5.77
CA ALA A 8 33.63 20.97 -6.61
C ALA A 8 32.70 21.53 -7.68
N GLY A 9 32.59 22.86 -7.74
CA GLY A 9 31.73 23.48 -8.73
C GLY A 9 30.26 23.61 -8.37
N TRP A 10 29.91 23.24 -7.15
CA TRP A 10 28.51 23.32 -6.68
C TRP A 10 28.01 24.75 -6.84
N PRO A 11 26.72 24.93 -7.16
CA PRO A 11 26.16 26.28 -7.31
C PRO A 11 26.48 27.19 -6.13
N ALA A 12 26.84 28.43 -6.42
CA ALA A 12 27.16 29.40 -5.39
C ALA A 12 26.22 30.59 -5.43
N THR A 13 25.37 30.66 -6.45
CA THR A 13 24.40 31.76 -6.59
C THR A 13 23.02 31.18 -6.88
N GLU A 14 21.98 31.98 -6.63
CA GLU A 14 20.63 31.51 -6.89
C GLU A 14 20.39 31.28 -8.37
N GLU A 15 20.99 32.13 -9.21
CA GLU A 15 20.83 31.99 -10.64
C GLU A 15 21.36 30.64 -11.10
N GLU A 16 22.53 30.26 -10.60
CA GLU A 16 23.15 28.99 -10.97
C GLU A 16 22.32 27.82 -10.48
N ALA A 17 21.82 27.92 -9.25
CA ALA A 17 21.02 26.85 -8.69
C ALA A 17 19.72 26.64 -9.47
N ARG A 18 19.03 27.73 -9.79
CA ARG A 18 17.80 27.62 -10.55
C ARG A 18 18.09 27.03 -11.92
N ALA A 19 19.24 27.39 -12.49
CA ALA A 19 19.63 26.88 -13.80
C ALA A 19 19.82 25.37 -13.73
N VAL A 20 20.40 24.89 -12.63
CA VAL A 20 20.61 23.45 -12.45
C VAL A 20 19.25 22.77 -12.38
N GLN A 21 18.31 23.36 -11.64
CA GLN A 21 16.98 22.77 -11.52
C GLN A 21 16.29 22.67 -12.87
N ASP A 22 16.34 23.74 -13.66
CA ASP A 22 15.67 23.70 -14.96
C ASP A 22 16.33 22.71 -15.92
N GLU A 23 17.62 22.49 -15.76
CA GLU A 23 18.35 21.56 -16.63
C GLU A 23 18.13 20.11 -16.22
N LEU A 24 18.19 19.84 -14.92
CA LEU A 24 18.01 18.47 -14.43
C LEU A 24 16.56 17.99 -14.44
N ARG A 25 15.61 18.93 -14.42
CA ARG A 25 14.19 18.56 -14.42
C ARG A 25 13.85 17.77 -15.68
N GLY A 26 14.60 18.01 -16.75
CA GLY A 26 14.35 17.32 -18.00
C GLY A 26 14.68 15.84 -17.94
N ARG A 27 15.32 15.40 -16.87
CA ARG A 27 15.67 13.99 -16.73
C ARG A 27 14.62 13.24 -15.92
N VAL A 28 13.66 13.97 -15.34
CA VAL A 28 12.62 13.35 -14.53
C VAL A 28 11.69 12.48 -15.37
N ILE A 29 11.41 11.28 -14.87
CA ILE A 29 10.52 10.35 -15.54
C ILE A 29 9.21 10.30 -14.76
N LEU A 30 8.10 10.57 -15.45
CA LEU A 30 6.78 10.60 -14.83
C LEU A 30 5.82 9.49 -15.26
N ASP A 31 6.12 8.82 -16.37
CA ASP A 31 5.23 7.78 -16.86
C ASP A 31 5.63 6.35 -16.52
N GLU A 32 6.60 6.20 -15.62
CA GLU A 32 7.01 4.86 -15.19
C GLU A 32 6.24 4.60 -13.90
N PRO A 33 5.35 3.60 -13.88
CA PRO A 33 4.56 3.30 -12.69
C PRO A 33 5.40 3.11 -11.43
N GLY A 34 6.45 2.31 -11.53
CA GLY A 34 7.30 2.06 -10.39
C GLY A 34 7.08 0.70 -9.78
N PRO A 35 7.89 0.35 -8.77
CA PRO A 35 7.76 -0.95 -8.11
C PRO A 35 6.52 -1.05 -7.24
N PRO A 36 5.99 -2.26 -7.03
CA PRO A 36 4.80 -2.42 -6.21
C PRO A 36 5.15 -2.37 -4.72
N PRO A 37 4.16 -2.08 -3.87
CA PRO A 37 4.46 -2.02 -2.44
C PRO A 37 4.52 -3.44 -1.88
N GLY A 38 5.09 -3.58 -0.68
CA GLY A 38 5.16 -4.88 -0.04
C GLY A 38 6.20 -5.87 -0.54
N THR A 39 7.11 -5.43 -1.40
CA THR A 39 8.15 -6.30 -1.90
C THR A 39 9.45 -5.53 -2.11
N GLY A 40 10.57 -6.23 -2.06
CA GLY A 40 11.86 -5.58 -2.23
C GLY A 40 12.20 -4.70 -1.04
N ARG A 41 12.96 -3.64 -1.28
CA ARG A 41 13.38 -2.72 -0.23
C ARG A 41 12.78 -1.33 -0.44
N VAL A 42 12.57 -0.61 0.67
CA VAL A 42 12.04 0.75 0.62
C VAL A 42 12.88 1.50 1.65
N THR A 43 13.35 2.68 1.26
CA THR A 43 14.25 3.45 2.10
C THR A 43 13.82 4.86 2.44
N GLY A 44 13.94 5.22 3.70
CA GLY A 44 13.60 6.57 4.09
C GLY A 44 14.86 7.40 4.20
N VAL A 45 14.77 8.68 3.83
CA VAL A 45 15.90 9.59 3.94
C VAL A 45 15.39 10.84 4.62
N ASP A 46 16.22 11.40 5.49
CA ASP A 46 15.88 12.62 6.20
C ASP A 46 17.17 13.27 6.67
N VAL A 47 17.09 14.55 7.01
CA VAL A 47 18.27 15.26 7.48
C VAL A 47 17.96 16.09 8.72
N ALA A 48 19.01 16.43 9.44
CA ALA A 48 18.92 17.25 10.64
C ALA A 48 20.02 18.30 10.53
N TYR A 49 19.64 19.57 10.67
CA TYR A 49 20.60 20.66 10.58
C TYR A 49 21.02 21.12 11.97
N ASP A 50 22.30 21.39 12.14
CA ASP A 50 22.78 21.85 13.42
C ASP A 50 22.59 23.37 13.48
N ASP A 51 22.21 23.88 14.64
CA ASP A 51 22.00 25.33 14.79
C ASP A 51 23.25 26.10 15.16
N GLU A 52 24.27 25.40 15.66
CA GLU A 52 25.49 26.07 16.09
C GLU A 52 26.61 26.08 15.07
N ARG A 53 26.66 25.05 14.22
CA ARG A 53 27.68 24.99 13.18
C ARG A 53 27.02 24.69 11.85
N ASP A 54 27.66 25.11 10.77
CA ASP A 54 27.12 24.93 9.42
C ASP A 54 27.25 23.50 8.94
N VAL A 55 26.63 22.58 9.68
CA VAL A 55 26.69 21.17 9.33
C VAL A 55 25.29 20.56 9.22
N VAL A 56 25.16 19.55 8.36
CA VAL A 56 23.90 18.85 8.16
C VAL A 56 24.19 17.36 8.22
N VAL A 57 23.30 16.60 8.85
CA VAL A 57 23.48 15.17 8.98
C VAL A 57 22.33 14.46 8.28
N ALA A 58 22.67 13.53 7.40
CA ALA A 58 21.67 12.78 6.67
C ALA A 58 21.64 11.33 7.12
N ALA A 59 20.45 10.74 7.06
CA ALA A 59 20.29 9.35 7.43
C ALA A 59 19.49 8.64 6.35
N ALA A 60 19.84 7.38 6.11
CA ALA A 60 19.12 6.55 5.15
C ALA A 60 18.84 5.27 5.88
N VAL A 61 17.56 4.89 5.94
CA VAL A 61 17.17 3.66 6.62
C VAL A 61 16.42 2.78 5.64
N VAL A 62 16.98 1.60 5.39
CA VAL A 62 16.40 0.64 4.45
C VAL A 62 15.51 -0.36 5.17
N LEU A 63 14.29 -0.51 4.68
CA LEU A 63 13.34 -1.45 5.27
C LEU A 63 13.00 -2.57 4.30
N ASP A 64 12.62 -3.72 4.86
CA ASP A 64 12.16 -4.83 4.04
C ASP A 64 10.71 -4.37 3.83
N ALA A 65 10.32 -4.13 2.58
CA ALA A 65 8.98 -3.64 2.29
C ALA A 65 7.85 -4.54 2.77
N ALA A 66 8.06 -5.85 2.70
CA ALA A 66 7.01 -6.79 3.11
C ALA A 66 6.72 -6.78 4.60
N THR A 67 7.77 -6.70 5.42
CA THR A 67 7.62 -6.74 6.88
C THR A 67 7.78 -5.39 7.57
N LEU A 68 8.45 -4.47 6.89
CA LEU A 68 8.77 -3.14 7.40
C LEU A 68 9.91 -3.20 8.40
N ASP A 69 10.57 -4.36 8.49
CA ASP A 69 11.71 -4.49 9.40
C ASP A 69 12.90 -3.75 8.82
N VAL A 70 13.73 -3.19 9.69
CA VAL A 70 14.92 -2.47 9.26
C VAL A 70 15.96 -3.50 8.84
N VAL A 71 16.54 -3.32 7.65
CA VAL A 71 17.55 -4.25 7.17
C VAL A 71 18.92 -3.58 7.03
N ALA A 72 18.95 -2.25 7.01
CA ALA A 72 20.21 -1.53 6.87
C ALA A 72 20.02 -0.04 7.16
N GLU A 73 21.08 0.62 7.58
CA GLU A 73 21.02 2.05 7.85
C GLU A 73 22.40 2.66 7.75
N ALA A 74 22.44 3.97 7.47
CA ALA A 74 23.71 4.68 7.34
C ALA A 74 23.47 6.17 7.52
N THR A 75 24.49 6.88 7.97
CA THR A 75 24.39 8.32 8.14
C THR A 75 25.65 8.96 7.57
N ALA A 76 25.59 10.27 7.35
CA ALA A 76 26.73 11.02 6.85
C ALA A 76 26.64 12.43 7.41
N VAL A 77 27.80 13.03 7.65
CA VAL A 77 27.88 14.38 8.17
C VAL A 77 28.47 15.24 7.06
N GLY A 78 27.85 16.39 6.78
CA GLY A 78 28.36 17.23 5.73
C GLY A 78 28.31 18.72 6.00
N GLU A 79 29.07 19.47 5.19
CA GLU A 79 29.07 20.92 5.30
C GLU A 79 27.84 21.40 4.54
N VAL A 80 27.06 22.30 5.14
CA VAL A 80 25.89 22.82 4.45
C VAL A 80 26.42 23.44 3.16
N SER A 81 25.90 22.96 2.03
CA SER A 81 26.39 23.39 0.72
C SER A 81 25.73 24.53 -0.02
N PHE A 82 24.83 25.25 0.62
CA PHE A 82 24.16 26.37 -0.02
C PHE A 82 23.49 27.22 1.05
N PRO A 83 23.38 28.54 0.81
CA PRO A 83 22.73 29.40 1.80
C PRO A 83 21.23 29.04 1.85
N TYR A 84 20.54 29.56 2.86
CA TYR A 84 19.12 29.26 3.00
C TYR A 84 18.31 30.12 2.06
N VAL A 85 17.72 29.49 1.06
CA VAL A 85 16.90 30.19 0.07
C VAL A 85 15.71 29.31 -0.28
N PRO A 86 14.48 29.73 0.11
CA PRO A 86 13.29 28.95 -0.18
C PRO A 86 13.21 28.64 -1.67
N GLY A 87 12.92 27.38 -2.00
CA GLY A 87 12.84 26.98 -3.38
C GLY A 87 14.13 26.32 -3.85
N LEU A 88 15.20 26.53 -3.09
CA LEU A 88 16.50 25.95 -3.41
C LEU A 88 17.08 25.23 -2.19
N LEU A 89 16.22 24.83 -1.27
CA LEU A 89 16.67 24.17 -0.05
C LEU A 89 17.42 22.87 -0.25
N ALA A 90 17.12 22.14 -1.32
CA ALA A 90 17.79 20.88 -1.57
C ALA A 90 19.28 21.04 -1.82
N PHE A 91 19.69 22.21 -2.32
CA PHE A 91 21.10 22.43 -2.58
C PHE A 91 21.96 22.47 -1.32
N ARG A 92 21.31 22.52 -0.16
CA ARG A 92 22.02 22.53 1.10
C ARG A 92 22.37 21.13 1.59
N GLU A 93 21.57 20.14 1.18
CA GLU A 93 21.73 18.77 1.68
C GLU A 93 21.95 17.63 0.72
N ILE A 94 21.72 17.85 -0.57
CA ILE A 94 21.90 16.75 -1.53
C ILE A 94 23.23 16.01 -1.43
N PRO A 95 24.36 16.73 -1.36
CA PRO A 95 25.64 16.03 -1.26
C PRO A 95 25.73 15.06 -0.07
N THR A 96 25.19 15.49 1.06
CA THR A 96 25.23 14.67 2.27
C THR A 96 24.25 13.49 2.19
N VAL A 97 23.10 13.72 1.55
CA VAL A 97 22.11 12.66 1.39
C VAL A 97 22.70 11.58 0.46
N LEU A 98 23.35 12.02 -0.60
CA LEU A 98 23.97 11.07 -1.54
C LEU A 98 25.03 10.25 -0.80
N ALA A 99 25.75 10.88 0.12
CA ALA A 99 26.78 10.21 0.89
C ALA A 99 26.20 9.14 1.82
N ALA A 100 25.07 9.46 2.45
CA ALA A 100 24.43 8.49 3.35
C ALA A 100 23.97 7.29 2.54
N LEU A 101 23.37 7.54 1.36
CA LEU A 101 22.91 6.43 0.53
C LEU A 101 24.09 5.59 0.07
N ASP A 102 25.17 6.25 -0.32
CA ASP A 102 26.37 5.53 -0.78
C ASP A 102 26.98 4.67 0.31
N ALA A 103 26.76 5.05 1.56
CA ALA A 103 27.30 4.32 2.70
C ALA A 103 26.51 3.05 3.03
N LEU A 104 25.35 2.90 2.41
CA LEU A 104 24.52 1.71 2.65
C LEU A 104 25.18 0.48 2.04
N PRO A 105 24.94 -0.68 2.64
CA PRO A 105 25.50 -1.94 2.14
C PRO A 105 24.63 -2.60 1.08
N CYS A 106 23.51 -1.97 0.76
CA CYS A 106 22.60 -2.51 -0.25
C CYS A 106 21.89 -1.37 -0.98
N PRO A 107 21.26 -1.69 -2.13
CA PRO A 107 20.54 -0.67 -2.88
C PRO A 107 19.32 -0.24 -2.06
N PRO A 108 18.86 1.01 -2.22
CA PRO A 108 17.70 1.47 -1.45
C PRO A 108 16.34 1.03 -1.94
N GLY A 109 16.26 0.62 -3.20
CA GLY A 109 14.98 0.23 -3.76
C GLY A 109 14.24 1.51 -4.11
N LEU A 110 13.14 1.77 -3.40
CA LEU A 110 12.37 3.00 -3.61
C LEU A 110 12.72 3.95 -2.47
N ILE A 111 13.10 5.18 -2.79
CA ILE A 111 13.47 6.15 -1.76
C ILE A 111 12.28 7.05 -1.42
N VAL A 112 11.96 7.14 -0.14
CA VAL A 112 10.86 7.99 0.33
C VAL A 112 11.46 9.15 1.11
N CYS A 113 11.32 10.36 0.57
CA CYS A 113 11.85 11.56 1.21
C CYS A 113 10.80 12.23 2.08
N ASP A 114 11.25 12.80 3.19
CA ASP A 114 10.36 13.54 4.07
C ASP A 114 10.37 14.93 3.45
N GLY A 115 9.50 15.14 2.48
CA GLY A 115 9.47 16.41 1.77
C GLY A 115 8.68 16.30 0.50
N TYR A 116 9.13 17.01 -0.53
CA TYR A 116 8.41 17.05 -1.80
C TYR A 116 9.24 16.72 -3.05
N GLY A 117 8.53 16.31 -4.10
CA GLY A 117 9.15 16.01 -5.38
C GLY A 117 8.68 17.06 -6.37
N VAL A 118 7.74 16.71 -7.25
CA VAL A 118 7.22 17.65 -8.23
C VAL A 118 6.42 18.79 -7.61
N ALA A 119 5.97 18.59 -6.36
CA ALA A 119 5.20 19.62 -5.64
C ALA A 119 6.24 20.61 -5.17
N HIS A 120 6.66 21.47 -6.09
CA HIS A 120 7.71 22.45 -5.84
C HIS A 120 7.53 23.61 -6.81
N PRO A 121 7.91 24.83 -6.39
CA PRO A 121 7.78 26.01 -7.26
C PRO A 121 8.32 25.81 -8.68
N ARG A 122 9.38 25.01 -8.81
CA ARG A 122 9.95 24.74 -10.12
C ARG A 122 9.79 23.28 -10.49
N ARG A 123 8.85 22.61 -9.82
CA ARG A 123 8.57 21.21 -10.06
C ARG A 123 9.84 20.36 -9.94
N PHE A 124 10.73 20.75 -9.04
CA PHE A 124 11.97 20.00 -8.86
C PHE A 124 12.46 20.06 -7.41
N GLY A 125 11.65 19.51 -6.51
CA GLY A 125 12.01 19.49 -5.11
C GLY A 125 12.98 18.36 -4.80
N LEU A 126 13.32 18.22 -3.52
CA LEU A 126 14.27 17.22 -3.06
C LEU A 126 14.12 15.83 -3.66
N ALA A 127 12.92 15.28 -3.60
CA ALA A 127 12.70 13.94 -4.13
C ALA A 127 13.02 13.81 -5.61
N SER A 128 12.65 14.80 -6.40
CA SER A 128 12.92 14.73 -7.84
C SER A 128 14.41 14.94 -8.13
N HIS A 129 15.02 15.84 -7.39
CA HIS A 129 16.43 16.15 -7.53
C HIS A 129 17.26 14.91 -7.17
N LEU A 130 16.92 14.28 -6.06
CA LEU A 130 17.63 13.08 -5.62
C LEU A 130 17.40 11.93 -6.61
N GLY A 131 16.17 11.84 -7.11
CA GLY A 131 15.84 10.80 -8.07
C GLY A 131 16.67 10.86 -9.34
N VAL A 132 16.75 12.04 -9.93
CA VAL A 132 17.52 12.20 -11.15
C VAL A 132 19.02 11.98 -10.96
N LEU A 133 19.56 12.40 -9.82
CA LEU A 133 21.00 12.22 -9.57
C LEU A 133 21.37 10.76 -9.32
N THR A 134 20.48 10.02 -8.65
CA THR A 134 20.74 8.62 -8.33
C THR A 134 20.22 7.68 -9.41
N GLY A 135 19.25 8.16 -10.18
CA GLY A 135 18.64 7.35 -11.22
C GLY A 135 17.64 6.38 -10.61
N LEU A 136 17.37 6.52 -9.31
CA LEU A 136 16.46 5.61 -8.62
C LEU A 136 15.05 6.14 -8.42
N PRO A 137 14.08 5.24 -8.21
CA PRO A 137 12.68 5.61 -7.99
C PRO A 137 12.59 6.36 -6.66
N THR A 138 11.92 7.50 -6.67
CA THR A 138 11.77 8.28 -5.44
C THR A 138 10.41 8.94 -5.35
N ILE A 139 9.96 9.19 -4.13
CA ILE A 139 8.70 9.88 -3.90
C ILE A 139 8.92 10.75 -2.70
N GLY A 140 8.00 11.69 -2.50
CA GLY A 140 8.07 12.55 -1.34
C GLY A 140 6.77 12.42 -0.56
N VAL A 141 6.88 12.44 0.77
CA VAL A 141 5.71 12.41 1.63
C VAL A 141 6.00 13.50 2.64
N ALA A 142 5.12 14.49 2.69
CA ALA A 142 5.29 15.64 3.58
C ALA A 142 4.19 15.76 4.62
N LYS A 143 4.54 16.34 5.77
CA LYS A 143 3.61 16.50 6.90
C LYS A 143 2.67 17.68 6.75
N ASN A 144 3.06 18.69 5.96
CA ASN A 144 2.22 19.86 5.74
C ASN A 144 2.12 20.12 4.25
N PRO A 145 1.08 20.86 3.82
CA PRO A 145 0.87 21.18 2.40
C PRO A 145 1.65 22.33 1.81
N PHE A 146 2.57 22.91 2.58
CA PHE A 146 3.35 24.04 2.09
C PHE A 146 2.34 25.11 1.67
N THR A 147 2.50 25.65 0.47
CA THR A 147 1.59 26.67 -0.03
C THR A 147 0.57 26.11 -1.03
N PHE A 148 0.50 24.79 -1.13
CA PHE A 148 -0.43 24.15 -2.04
C PHE A 148 -1.83 24.03 -1.44
N SER A 149 -2.83 23.88 -2.30
CA SER A 149 -4.21 23.78 -1.83
C SER A 149 -4.79 22.41 -2.13
N TYR A 150 -5.84 22.06 -1.42
CA TYR A 150 -6.48 20.78 -1.60
C TYR A 150 -7.83 20.73 -0.92
N GLU A 151 -8.72 19.93 -1.48
CA GLU A 151 -10.05 19.73 -0.92
C GLU A 151 -9.85 18.59 0.08
N ASP A 152 -10.58 18.61 1.19
CA ASP A 152 -10.44 17.55 2.18
C ASP A 152 -10.75 16.20 1.54
N PRO A 153 -9.82 15.24 1.63
CA PRO A 153 -10.07 13.93 1.05
C PRO A 153 -11.10 13.19 1.89
N GLY A 154 -11.59 12.06 1.41
CA GLY A 154 -12.56 11.30 2.18
C GLY A 154 -12.00 11.00 3.55
N ALA A 155 -12.89 10.77 4.51
CA ALA A 155 -12.46 10.48 5.89
C ALA A 155 -11.75 9.13 6.07
N PRO A 156 -12.19 8.08 5.36
CA PRO A 156 -11.52 6.79 5.54
C PRO A 156 -10.09 6.74 5.06
N ARG A 157 -9.27 5.92 5.72
CA ARG A 157 -7.88 5.73 5.33
C ARG A 157 -7.89 5.24 3.88
N GLY A 158 -6.97 5.76 3.08
CA GLY A 158 -6.90 5.37 1.68
C GLY A 158 -7.44 6.46 0.77
N SER A 159 -8.31 7.31 1.32
CA SER A 159 -8.90 8.41 0.58
C SER A 159 -7.83 9.42 0.16
N ALA A 160 -8.01 10.01 -1.02
CA ALA A 160 -7.07 10.99 -1.52
C ALA A 160 -7.79 12.15 -2.18
N ALA A 161 -7.06 13.21 -2.43
CA ALA A 161 -7.59 14.39 -3.10
C ALA A 161 -6.42 15.08 -3.78
N PRO A 162 -6.68 15.75 -4.90
CA PRO A 162 -5.60 16.43 -5.62
C PRO A 162 -4.93 17.54 -4.78
N LEU A 163 -3.61 17.60 -4.85
CA LEU A 163 -2.85 18.65 -4.16
C LEU A 163 -2.51 19.59 -5.31
N LEU A 164 -2.93 20.85 -5.20
CA LEU A 164 -2.72 21.81 -6.28
C LEU A 164 -1.78 22.99 -6.08
N ALA A 165 -1.05 23.32 -7.14
CA ALA A 165 -0.15 24.46 -7.15
C ALA A 165 -0.89 25.37 -8.12
N GLY A 166 -1.72 26.25 -7.60
CA GLY A 166 -2.51 27.11 -8.46
C GLY A 166 -3.69 26.26 -8.90
N ALA A 167 -3.65 25.77 -10.13
CA ALA A 167 -4.73 24.94 -10.65
C ALA A 167 -4.17 23.60 -11.15
N ASP A 168 -2.86 23.45 -11.01
CA ASP A 168 -2.17 22.24 -11.47
C ASP A 168 -1.94 21.21 -10.37
N GLU A 169 -2.27 19.95 -10.65
CA GLU A 169 -2.07 18.90 -9.66
C GLU A 169 -0.58 18.60 -9.58
N VAL A 170 -0.04 18.65 -8.37
CA VAL A 170 1.38 18.37 -8.16
C VAL A 170 1.58 17.23 -7.16
N GLY A 171 0.47 16.62 -6.73
CA GLY A 171 0.51 15.53 -5.79
C GLY A 171 -0.87 15.25 -5.24
N ARG A 172 -0.94 14.56 -4.11
CA ARG A 172 -2.23 14.25 -3.51
C ARG A 172 -2.20 14.31 -2.00
N ALA A 173 -3.31 14.76 -1.42
CA ALA A 173 -3.44 14.77 0.02
C ALA A 173 -3.95 13.34 0.23
N LEU A 174 -3.27 12.58 1.08
CA LEU A 174 -3.64 11.19 1.30
C LEU A 174 -3.97 10.89 2.75
N ARG A 175 -5.13 10.29 2.99
CA ARG A 175 -5.55 9.94 4.33
C ARG A 175 -4.84 8.63 4.71
N THR A 176 -3.82 8.72 5.55
CA THR A 176 -3.08 7.53 5.96
C THR A 176 -3.70 6.92 7.22
N GLN A 177 -4.41 7.74 7.98
CA GLN A 177 -5.09 7.26 9.18
C GLN A 177 -6.51 7.82 9.23
N SER A 178 -7.47 6.94 9.52
CA SER A 178 -8.87 7.27 9.58
C SER A 178 -9.19 8.48 10.44
N GLY A 179 -9.89 9.44 9.85
CA GLY A 179 -10.29 10.65 10.55
C GLY A 179 -9.16 11.55 11.01
N VAL A 180 -7.93 11.20 10.65
CA VAL A 180 -6.74 11.96 11.02
C VAL A 180 -6.26 12.83 9.84
N LYS A 181 -5.64 13.96 10.14
CA LYS A 181 -5.09 14.87 9.14
C LYS A 181 -4.28 14.11 8.09
N PRO A 182 -4.49 14.39 6.79
CA PRO A 182 -3.72 13.65 5.78
C PRO A 182 -2.27 14.10 5.63
N VAL A 183 -1.52 13.34 4.84
CA VAL A 183 -0.13 13.68 4.55
C VAL A 183 -0.16 14.08 3.09
N PHE A 184 0.95 14.61 2.59
CA PHE A 184 0.99 15.10 1.22
C PHE A 184 2.03 14.40 0.40
N VAL A 185 1.53 13.60 -0.54
CA VAL A 185 2.33 12.76 -1.40
C VAL A 185 2.60 13.35 -2.78
N SER A 186 3.85 13.29 -3.21
CA SER A 186 4.19 13.77 -4.54
C SER A 186 5.21 12.84 -5.17
N VAL A 187 5.16 12.75 -6.50
CA VAL A 187 6.10 11.89 -7.19
C VAL A 187 7.46 12.57 -7.22
N GLY A 188 8.51 11.75 -7.17
CA GLY A 188 9.84 12.29 -7.24
C GLY A 188 10.41 11.96 -8.61
N HIS A 189 10.61 10.67 -8.85
CA HIS A 189 11.18 10.19 -10.12
C HIS A 189 10.87 8.70 -10.29
N ARG A 190 10.53 8.32 -11.52
CA ARG A 190 10.25 6.93 -11.86
C ARG A 190 9.15 6.20 -11.06
N VAL A 191 8.16 6.97 -10.59
CA VAL A 191 7.04 6.40 -9.84
C VAL A 191 5.80 7.23 -10.17
N ASP A 192 4.63 6.63 -10.35
CA ASP A 192 3.46 7.45 -10.62
C ASP A 192 2.68 7.71 -9.33
N LEU A 193 1.70 8.60 -9.37
CA LEU A 193 0.97 8.95 -8.17
C LEU A 193 0.24 7.79 -7.51
N ASP A 194 -0.36 6.91 -8.31
CA ASP A 194 -1.06 5.76 -7.73
C ASP A 194 -0.09 4.92 -6.92
N HIS A 195 1.10 4.66 -7.48
CA HIS A 195 2.09 3.86 -6.77
C HIS A 195 2.67 4.60 -5.58
N ALA A 196 2.83 5.92 -5.70
CA ALA A 196 3.34 6.70 -4.59
C ALA A 196 2.37 6.57 -3.42
N CYS A 197 1.08 6.66 -3.71
CA CYS A 197 0.06 6.53 -2.68
C CYS A 197 0.06 5.13 -2.09
N ALA A 198 0.19 4.11 -2.94
CA ALA A 198 0.20 2.73 -2.49
C ALA A 198 1.37 2.49 -1.53
N HIS A 199 2.54 3.03 -1.87
CA HIS A 199 3.69 2.83 -0.99
C HIS A 199 3.49 3.57 0.33
N THR A 200 2.94 4.78 0.25
CA THR A 200 2.71 5.56 1.46
C THR A 200 1.73 4.83 2.39
N LEU A 201 0.66 4.27 1.83
CA LEU A 201 -0.31 3.53 2.66
C LEU A 201 0.36 2.30 3.26
N ALA A 202 1.16 1.59 2.46
CA ALA A 202 1.82 0.40 2.95
C ALA A 202 2.82 0.71 4.06
N LEU A 203 3.27 1.96 4.14
CA LEU A 203 4.22 2.38 5.17
C LEU A 203 3.54 3.00 6.38
N THR A 204 2.21 3.08 6.33
CA THR A 204 1.44 3.70 7.40
C THR A 204 0.30 2.87 8.00
N PRO A 205 0.49 1.55 8.15
CA PRO A 205 -0.61 0.76 8.72
C PRO A 205 -0.92 1.14 10.17
N LYS A 206 0.08 1.66 10.87
CA LYS A 206 -0.06 2.01 12.28
C LYS A 206 -0.05 3.50 12.59
N TYR A 207 0.77 4.26 11.86
CA TYR A 207 0.89 5.69 12.10
C TYR A 207 0.51 6.55 10.91
N ARG A 208 0.37 7.84 11.16
CA ARG A 208 0.04 8.79 10.10
C ARG A 208 1.26 9.01 9.22
N ILE A 209 2.43 9.07 9.85
CA ILE A 209 3.72 9.30 9.17
C ILE A 209 4.37 7.98 8.75
N PRO A 210 4.87 7.90 7.50
CA PRO A 210 5.51 6.68 7.02
C PRO A 210 6.62 6.21 7.96
N GLU A 211 6.70 4.90 8.18
CA GLU A 211 7.74 4.36 9.05
C GLU A 211 9.14 4.71 8.56
N THR A 212 9.28 4.87 7.25
CA THR A 212 10.57 5.24 6.67
C THR A 212 11.02 6.61 7.20
N THR A 213 10.07 7.54 7.31
CA THR A 213 10.39 8.87 7.80
C THR A 213 10.66 8.83 9.30
N ARG A 214 9.82 8.10 10.02
CA ARG A 214 10.00 7.98 11.46
C ARG A 214 11.40 7.46 11.80
N ARG A 215 11.83 6.42 11.08
CA ARG A 215 13.14 5.82 11.29
C ARG A 215 14.29 6.74 10.91
N ALA A 216 14.23 7.32 9.72
CA ALA A 216 15.28 8.20 9.25
C ALA A 216 15.39 9.45 10.11
N ASP A 217 14.24 9.98 10.53
CA ASP A 217 14.25 11.18 11.36
C ASP A 217 14.96 10.90 12.68
N SER A 218 14.60 9.80 13.31
CA SER A 218 15.21 9.44 14.59
C SER A 218 16.71 9.26 14.44
N LEU A 219 17.11 8.58 13.37
CA LEU A 219 18.53 8.31 13.15
C LEU A 219 19.38 9.55 12.84
N CYS A 220 18.92 10.43 11.96
CA CYS A 220 19.74 11.59 11.69
C CYS A 220 19.86 12.51 12.91
N ARG A 221 18.81 12.58 13.71
CA ARG A 221 18.85 13.40 14.91
C ARG A 221 19.87 12.83 15.90
N ARG A 222 19.90 11.50 16.03
CA ARG A 222 20.87 10.87 16.94
C ARG A 222 22.28 11.09 16.43
N ALA A 223 22.49 10.91 15.13
CA ALA A 223 23.81 11.07 14.53
C ALA A 223 24.29 12.52 14.64
N LEU A 224 23.37 13.48 14.58
CA LEU A 224 23.74 14.88 14.70
C LEU A 224 24.21 15.16 16.13
N LYS A 225 23.51 14.60 17.10
CA LYS A 225 23.86 14.76 18.51
C LYS A 225 25.27 14.20 18.73
N GLU A 226 25.53 13.03 18.15
CA GLU A 226 26.83 12.37 18.29
C GLU A 226 27.94 13.18 17.61
N ALA A 227 27.64 13.76 16.46
CA ALA A 227 28.62 14.55 15.72
C ALA A 227 29.02 15.81 16.47
N THR A 228 28.06 16.41 17.17
CA THR A 228 28.34 17.65 17.90
C THR A 228 28.92 17.41 19.28
N ALA A 229 28.88 16.16 19.73
CA ALA A 229 29.43 15.79 21.03
C ALA A 229 30.95 15.77 20.95
N THR B 2 -9.36 -6.53 22.44
CA THR B 2 -10.44 -5.50 22.50
C THR B 2 -11.24 -5.48 21.20
N THR B 3 -12.50 -5.06 21.31
CA THR B 3 -13.38 -5.01 20.15
C THR B 3 -13.01 -3.87 19.20
N VAL B 4 -12.90 -4.21 17.92
CA VAL B 4 -12.55 -3.22 16.89
C VAL B 4 -13.75 -2.33 16.64
N ARG B 5 -13.65 -1.06 17.02
CA ARG B 5 -14.77 -0.14 16.82
C ARG B 5 -14.83 0.39 15.40
N ILE B 6 -15.95 1.03 15.06
CA ILE B 6 -16.12 1.60 13.72
C ILE B 6 -15.10 2.72 13.56
N PRO B 7 -14.30 2.70 12.48
CA PRO B 7 -13.29 3.73 12.22
C PRO B 7 -13.79 5.16 12.42
N ALA B 8 -12.89 6.02 12.89
CA ALA B 8 -13.20 7.42 13.15
C ALA B 8 -13.97 8.11 12.02
N GLY B 9 -13.60 7.82 10.77
CA GLY B 9 -14.29 8.44 9.65
C GLY B 9 -14.87 7.44 8.67
N TRP B 10 -15.44 6.35 9.19
CA TRP B 10 -16.02 5.32 8.34
C TRP B 10 -17.35 5.77 7.75
N PRO B 11 -17.63 5.37 6.50
CA PRO B 11 -18.90 5.76 5.86
C PRO B 11 -20.11 5.47 6.72
N ALA B 12 -21.04 6.42 6.74
CA ALA B 12 -22.25 6.30 7.53
C ALA B 12 -23.48 6.23 6.63
N THR B 13 -23.33 6.69 5.40
CA THR B 13 -24.42 6.69 4.43
C THR B 13 -24.02 5.95 3.16
N GLU B 14 -25.03 5.50 2.41
CA GLU B 14 -24.79 4.79 1.17
C GLU B 14 -24.06 5.66 0.16
N GLU B 15 -24.33 6.97 0.23
CA GLU B 15 -23.70 7.91 -0.67
C GLU B 15 -22.20 7.99 -0.39
N GLU B 16 -21.84 8.00 0.89
CA GLU B 16 -20.43 8.05 1.27
C GLU B 16 -19.75 6.73 0.91
N ALA B 17 -20.48 5.63 1.08
CA ALA B 17 -19.94 4.31 0.77
C ALA B 17 -19.63 4.19 -0.71
N ARG B 18 -20.58 4.59 -1.55
CA ARG B 18 -20.38 4.53 -2.99
C ARG B 18 -19.25 5.46 -3.41
N ALA B 19 -19.08 6.56 -2.68
CA ALA B 19 -18.02 7.51 -2.99
C ALA B 19 -16.67 6.83 -2.80
N VAL B 20 -16.54 6.06 -1.73
CA VAL B 20 -15.31 5.33 -1.46
C VAL B 20 -15.07 4.32 -2.57
N GLN B 21 -16.10 3.59 -2.96
CA GLN B 21 -15.96 2.60 -4.01
C GLN B 21 -15.56 3.24 -5.33
N ASP B 22 -16.24 4.31 -5.73
CA ASP B 22 -15.93 4.97 -6.98
C ASP B 22 -14.54 5.58 -7.00
N GLU B 23 -14.00 5.89 -5.82
CA GLU B 23 -12.68 6.47 -5.76
C GLU B 23 -11.59 5.41 -5.79
N LEU B 24 -11.75 4.38 -4.98
CA LEU B 24 -10.75 3.31 -4.90
C LEU B 24 -10.78 2.33 -6.06
N ARG B 25 -11.93 2.18 -6.72
CA ARG B 25 -12.04 1.25 -7.84
C ARG B 25 -11.02 1.56 -8.94
N GLY B 26 -10.71 2.83 -9.12
CA GLY B 26 -9.76 3.22 -10.16
C GLY B 26 -8.33 2.85 -9.84
N ARG B 27 -8.09 2.47 -8.59
CA ARG B 27 -6.74 2.10 -8.16
C ARG B 27 -6.54 0.59 -8.12
N VAL B 28 -7.55 -0.16 -8.58
CA VAL B 28 -7.44 -1.61 -8.63
C VAL B 28 -6.48 -1.94 -9.78
N ILE B 29 -5.56 -2.87 -9.54
CA ILE B 29 -4.57 -3.27 -10.55
C ILE B 29 -4.97 -4.57 -11.23
N LEU B 30 -5.06 -4.52 -12.57
CA LEU B 30 -5.47 -5.68 -13.36
C LEU B 30 -4.40 -6.19 -14.32
N ASP B 31 -3.32 -5.43 -14.51
CA ASP B 31 -2.27 -5.84 -15.45
C ASP B 31 -1.08 -6.57 -14.83
N GLU B 32 -1.25 -7.08 -13.61
CA GLU B 32 -0.18 -7.82 -12.94
C GLU B 32 -0.63 -9.28 -12.82
N PRO B 33 0.29 -10.23 -13.08
CA PRO B 33 -0.05 -11.66 -12.99
C PRO B 33 -0.28 -12.15 -11.56
N GLY B 34 0.54 -11.66 -10.62
CA GLY B 34 0.41 -12.09 -9.25
C GLY B 34 1.50 -13.10 -8.91
N PRO B 35 1.62 -13.49 -7.64
CA PRO B 35 2.65 -14.46 -7.24
C PRO B 35 2.49 -15.84 -7.87
N PRO B 36 3.60 -16.53 -8.12
CA PRO B 36 3.55 -17.87 -8.70
C PRO B 36 2.93 -18.86 -7.71
N PRO B 37 1.98 -19.68 -8.16
CA PRO B 37 1.37 -20.66 -7.24
C PRO B 37 2.43 -21.59 -6.67
N GLY B 38 2.23 -22.06 -5.44
CA GLY B 38 3.18 -22.98 -4.83
C GLY B 38 4.43 -22.36 -4.25
N THR B 39 4.47 -21.03 -4.19
CA THR B 39 5.61 -20.31 -3.65
C THR B 39 5.14 -19.34 -2.57
N GLY B 40 6.00 -19.09 -1.58
CA GLY B 40 5.65 -18.17 -0.51
C GLY B 40 4.47 -18.59 0.35
N ARG B 41 3.68 -17.61 0.77
CA ARG B 41 2.54 -17.86 1.62
C ARG B 41 1.24 -17.40 0.98
N VAL B 42 0.13 -18.00 1.40
CA VAL B 42 -1.19 -17.62 0.89
C VAL B 42 -2.10 -17.58 2.10
N THR B 43 -2.95 -16.56 2.17
CA THR B 43 -3.81 -16.34 3.32
C THR B 43 -5.31 -16.31 3.03
N GLY B 44 -6.07 -17.01 3.86
CA GLY B 44 -7.51 -17.00 3.69
C GLY B 44 -8.11 -16.06 4.70
N VAL B 45 -9.16 -15.33 4.31
CA VAL B 45 -9.85 -14.44 5.22
C VAL B 45 -11.33 -14.76 5.13
N ASP B 46 -12.01 -14.71 6.28
CA ASP B 46 -13.43 -14.99 6.31
C ASP B 46 -13.99 -14.35 7.58
N VAL B 47 -15.30 -14.15 7.61
CA VAL B 47 -15.95 -13.55 8.76
C VAL B 47 -17.21 -14.30 9.16
N ALA B 48 -17.62 -14.08 10.41
CA ALA B 48 -18.81 -14.69 10.96
C ALA B 48 -19.59 -13.58 11.65
N TYR B 49 -20.87 -13.46 11.31
CA TYR B 49 -21.74 -12.44 11.91
C TYR B 49 -22.65 -13.05 12.96
N ASP B 50 -22.83 -12.35 14.08
CA ASP B 50 -23.72 -12.83 15.12
C ASP B 50 -25.13 -12.31 14.84
N ASP B 51 -26.13 -13.15 15.12
CA ASP B 51 -27.52 -12.75 14.88
C ASP B 51 -28.13 -11.93 16.01
N GLU B 52 -27.60 -12.09 17.22
CA GLU B 52 -28.14 -11.37 18.36
C GLU B 52 -27.43 -10.07 18.68
N ARG B 53 -26.12 -10.08 18.56
CA ARG B 53 -25.30 -8.89 18.83
C ARG B 53 -24.77 -8.35 17.51
N ASP B 54 -24.69 -7.03 17.42
CA ASP B 54 -24.21 -6.39 16.20
C ASP B 54 -22.70 -6.47 16.12
N VAL B 55 -22.17 -7.69 16.11
CA VAL B 55 -20.73 -7.90 16.04
C VAL B 55 -20.35 -8.84 14.90
N VAL B 56 -19.13 -8.70 14.41
CA VAL B 56 -18.61 -9.54 13.34
C VAL B 56 -17.22 -10.00 13.74
N VAL B 57 -16.92 -11.26 13.49
CA VAL B 57 -15.62 -11.82 13.84
C VAL B 57 -14.86 -12.20 12.57
N ALA B 58 -13.64 -11.70 12.45
CA ALA B 58 -12.84 -12.01 11.27
C ALA B 58 -11.68 -12.92 11.63
N ALA B 59 -11.30 -13.76 10.68
CA ALA B 59 -10.17 -14.66 10.89
C ALA B 59 -9.29 -14.63 9.66
N ALA B 60 -7.99 -14.67 9.89
CA ALA B 60 -6.99 -14.67 8.82
C ALA B 60 -6.10 -15.87 9.10
N VAL B 61 -5.99 -16.79 8.15
CA VAL B 61 -5.15 -17.97 8.33
C VAL B 61 -4.13 -18.03 7.21
N VAL B 62 -2.85 -18.02 7.59
CA VAL B 62 -1.76 -18.06 6.64
C VAL B 62 -1.28 -19.47 6.41
N LEU B 63 -1.19 -19.86 5.14
CA LEU B 63 -0.73 -21.20 4.81
C LEU B 63 0.55 -21.15 4.01
N ASP B 64 1.35 -22.19 4.13
CA ASP B 64 2.56 -22.31 3.34
C ASP B 64 1.99 -22.71 1.97
N ALA B 65 2.30 -21.95 0.93
CA ALA B 65 1.75 -22.22 -0.40
C ALA B 65 2.08 -23.59 -0.98
N ALA B 66 3.28 -24.08 -0.74
CA ALA B 66 3.68 -25.37 -1.28
C ALA B 66 2.98 -26.58 -0.65
N THR B 67 2.91 -26.58 0.68
CA THR B 67 2.32 -27.70 1.40
C THR B 67 0.89 -27.51 1.88
N LEU B 68 0.48 -26.25 1.97
CA LEU B 68 -0.84 -25.86 2.45
C LEU B 68 -0.94 -25.99 3.97
N ASP B 69 0.21 -26.21 4.62
CA ASP B 69 0.22 -26.33 6.07
C ASP B 69 -0.03 -24.96 6.69
N VAL B 70 -0.70 -24.92 7.83
CA VAL B 70 -0.97 -23.67 8.50
C VAL B 70 0.29 -23.15 9.18
N VAL B 71 0.64 -21.89 8.93
CA VAL B 71 1.83 -21.33 9.55
C VAL B 71 1.52 -20.18 10.50
N ALA B 72 0.35 -19.58 10.36
CA ALA B 72 -0.03 -18.47 11.24
C ALA B 72 -1.54 -18.26 11.23
N GLU B 73 -2.06 -17.72 12.33
CA GLU B 73 -3.48 -17.47 12.50
C GLU B 73 -3.72 -16.22 13.34
N ALA B 74 -4.86 -15.56 13.11
CA ALA B 74 -5.23 -14.39 13.87
C ALA B 74 -6.73 -14.14 13.73
N THR B 75 -7.35 -13.64 14.78
CA THR B 75 -8.77 -13.33 14.76
C THR B 75 -8.99 -11.96 15.38
N ALA B 76 -10.13 -11.37 15.07
CA ALA B 76 -10.48 -10.07 15.63
C ALA B 76 -11.99 -9.98 15.71
N VAL B 77 -12.48 -9.33 16.75
CA VAL B 77 -13.90 -9.15 16.95
C VAL B 77 -14.19 -7.66 16.82
N GLY B 78 -15.21 -7.30 16.06
CA GLY B 78 -15.52 -5.90 15.89
C GLY B 78 -16.98 -5.55 15.78
N GLU B 79 -17.27 -4.25 15.85
CA GLU B 79 -18.65 -3.78 15.73
C GLU B 79 -18.97 -3.72 14.24
N VAL B 80 -20.16 -4.18 13.85
CA VAL B 80 -20.56 -4.13 12.47
C VAL B 80 -20.52 -2.66 12.10
N SER B 81 -19.66 -2.31 11.15
CA SER B 81 -19.47 -0.92 10.77
C SER B 81 -20.37 -0.31 9.70
N PHE B 82 -21.43 -1.01 9.32
CA PHE B 82 -22.33 -0.45 8.31
C PHE B 82 -23.62 -1.25 8.24
N PRO B 83 -24.75 -0.57 8.00
CA PRO B 83 -26.01 -1.30 7.91
C PRO B 83 -25.98 -2.24 6.71
N TYR B 84 -26.93 -3.17 6.66
CA TYR B 84 -26.98 -4.13 5.57
C TYR B 84 -27.53 -3.53 4.29
N VAL B 85 -26.66 -3.37 3.30
CA VAL B 85 -27.04 -2.80 2.01
C VAL B 85 -26.35 -3.56 0.87
N PRO B 86 -27.11 -4.34 0.11
CA PRO B 86 -26.54 -5.11 -1.01
C PRO B 86 -25.68 -4.23 -1.92
N GLY B 87 -24.45 -4.66 -2.16
CA GLY B 87 -23.54 -3.90 -3.00
C GLY B 87 -22.54 -3.14 -2.16
N LEU B 88 -22.80 -3.05 -0.85
CA LEU B 88 -21.91 -2.35 0.07
C LEU B 88 -21.68 -3.21 1.32
N LEU B 89 -21.86 -4.52 1.16
CA LEU B 89 -21.70 -5.45 2.27
C LEU B 89 -20.31 -5.45 2.91
N ALA B 90 -19.28 -5.18 2.13
CA ALA B 90 -17.91 -5.16 2.65
C ALA B 90 -17.71 -4.08 3.72
N PHE B 91 -18.49 -3.00 3.65
CA PHE B 91 -18.34 -1.94 4.63
C PHE B 91 -18.72 -2.34 6.05
N ARG B 92 -19.25 -3.54 6.21
CA ARG B 92 -19.65 -4.01 7.53
C ARG B 92 -18.51 -4.72 8.23
N GLU B 93 -17.60 -5.30 7.43
CA GLU B 93 -16.52 -6.12 7.97
C GLU B 93 -15.07 -5.73 7.71
N ILE B 94 -14.82 -4.84 6.76
CA ILE B 94 -13.44 -4.47 6.44
C ILE B 94 -12.57 -4.07 7.64
N PRO B 95 -13.08 -3.20 8.52
CA PRO B 95 -12.25 -2.80 9.68
C PRO B 95 -11.79 -3.98 10.52
N THR B 96 -12.68 -4.94 10.73
CA THR B 96 -12.37 -6.12 11.53
C THR B 96 -11.42 -7.05 10.77
N VAL B 97 -11.62 -7.17 9.46
CA VAL B 97 -10.74 -8.03 8.66
C VAL B 97 -9.31 -7.47 8.69
N LEU B 98 -9.19 -6.15 8.55
CA LEU B 98 -7.88 -5.52 8.57
C LEU B 98 -7.21 -5.72 9.94
N ALA B 99 -8.01 -5.68 11.00
CA ALA B 99 -7.46 -5.87 12.34
C ALA B 99 -6.86 -7.27 12.46
N ALA B 100 -7.53 -8.27 11.89
CA ALA B 100 -7.04 -9.64 11.94
C ALA B 100 -5.74 -9.74 11.16
N LEU B 101 -5.72 -9.15 9.96
CA LEU B 101 -4.51 -9.18 9.14
C LEU B 101 -3.36 -8.47 9.87
N ASP B 102 -3.65 -7.33 10.48
CA ASP B 102 -2.61 -6.58 11.20
C ASP B 102 -1.98 -7.37 12.33
N ALA B 103 -2.77 -8.27 12.93
CA ALA B 103 -2.31 -9.09 14.05
C ALA B 103 -1.45 -10.29 13.65
N LEU B 104 -1.30 -10.51 12.34
CA LEU B 104 -0.50 -11.62 11.86
C LEU B 104 0.99 -11.38 12.08
N PRO B 105 1.76 -12.44 12.33
CA PRO B 105 3.20 -12.35 12.57
C PRO B 105 4.05 -12.34 11.29
N CYS B 106 3.40 -12.43 10.15
CA CYS B 106 4.11 -12.46 8.87
C CYS B 106 3.27 -11.85 7.75
N PRO B 107 3.90 -11.51 6.61
CA PRO B 107 3.16 -10.92 5.49
C PRO B 107 2.20 -11.97 4.94
N PRO B 108 0.98 -11.55 4.54
CA PRO B 108 -0.04 -12.47 4.00
C PRO B 108 0.32 -13.17 2.69
N GLY B 109 1.09 -12.49 1.84
CA GLY B 109 1.48 -13.07 0.57
C GLY B 109 0.46 -12.83 -0.53
N LEU B 110 -0.66 -13.54 -0.41
CA LEU B 110 -1.78 -13.43 -1.35
C LEU B 110 -3.02 -13.68 -0.51
N ILE B 111 -3.96 -12.75 -0.55
CA ILE B 111 -5.19 -12.90 0.22
C ILE B 111 -6.31 -13.48 -0.62
N VAL B 112 -6.84 -14.63 -0.18
CA VAL B 112 -7.94 -15.28 -0.88
C VAL B 112 -9.18 -15.06 -0.04
N CYS B 113 -10.14 -14.33 -0.61
CA CYS B 113 -11.38 -14.04 0.11
C CYS B 113 -12.50 -14.97 -0.27
N ASP B 114 -13.34 -15.30 0.70
CA ASP B 114 -14.50 -16.14 0.44
C ASP B 114 -15.53 -15.11 0.01
N GLY B 115 -15.42 -14.69 -1.23
CA GLY B 115 -16.33 -13.69 -1.74
C GLY B 115 -15.98 -13.29 -3.14
N TYR B 116 -16.13 -12.01 -3.46
CA TYR B 116 -15.86 -11.52 -4.80
C TYR B 116 -14.94 -10.33 -4.88
N GLY B 117 -14.31 -10.19 -6.03
CA GLY B 117 -13.43 -9.07 -6.30
C GLY B 117 -14.12 -8.20 -7.33
N VAL B 118 -13.66 -8.27 -8.57
CA VAL B 118 -14.27 -7.47 -9.63
C VAL B 118 -15.68 -7.94 -9.98
N ALA B 119 -16.03 -9.17 -9.58
CA ALA B 119 -17.37 -9.69 -9.84
C ALA B 119 -18.26 -9.11 -8.76
N HIS B 120 -18.61 -7.84 -8.93
CA HIS B 120 -19.41 -7.12 -7.96
C HIS B 120 -20.36 -6.19 -8.71
N PRO B 121 -21.57 -5.95 -8.18
CA PRO B 121 -22.53 -5.06 -8.83
C PRO B 121 -21.99 -3.67 -9.15
N ARG B 122 -20.83 -3.34 -8.58
CA ARG B 122 -20.20 -2.06 -8.85
C ARG B 122 -18.72 -2.26 -9.16
N ARG B 123 -18.36 -3.52 -9.40
CA ARG B 123 -17.00 -3.92 -9.74
C ARG B 123 -15.94 -3.63 -8.68
N PHE B 124 -16.34 -3.66 -7.42
CA PHE B 124 -15.41 -3.39 -6.33
C PHE B 124 -15.83 -4.16 -5.08
N GLY B 125 -15.73 -5.48 -5.15
CA GLY B 125 -16.11 -6.30 -4.02
C GLY B 125 -15.05 -6.35 -2.92
N LEU B 126 -15.33 -7.13 -1.89
CA LEU B 126 -14.45 -7.30 -0.75
C LEU B 126 -12.98 -7.50 -1.12
N ALA B 127 -12.71 -8.46 -1.98
CA ALA B 127 -11.33 -8.75 -2.37
C ALA B 127 -10.62 -7.53 -2.97
N SER B 128 -11.30 -6.79 -3.83
CA SER B 128 -10.71 -5.62 -4.47
C SER B 128 -10.51 -4.48 -3.49
N HIS B 129 -11.49 -4.31 -2.60
CA HIS B 129 -11.43 -3.26 -1.58
C HIS B 129 -10.27 -3.53 -0.62
N LEU B 130 -10.13 -4.78 -0.17
CA LEU B 130 -9.04 -5.13 0.73
C LEU B 130 -7.72 -4.96 0.00
N GLY B 131 -7.71 -5.29 -1.29
CA GLY B 131 -6.51 -5.17 -2.08
C GLY B 131 -5.97 -3.75 -2.12
N VAL B 132 -6.84 -2.81 -2.47
CA VAL B 132 -6.42 -1.41 -2.54
C VAL B 132 -6.02 -0.88 -1.17
N LEU B 133 -6.73 -1.26 -0.12
CA LEU B 133 -6.39 -0.76 1.20
C LEU B 133 -5.08 -1.30 1.78
N THR B 134 -4.72 -2.54 1.42
CA THR B 134 -3.51 -3.16 1.92
C THR B 134 -2.36 -3.17 0.92
N GLY B 135 -2.71 -2.97 -0.35
CA GLY B 135 -1.72 -2.99 -1.41
C GLY B 135 -1.30 -4.41 -1.78
N LEU B 136 -1.89 -5.40 -1.10
CA LEU B 136 -1.55 -6.81 -1.35
C LEU B 136 -2.34 -7.44 -2.49
N PRO B 137 -1.78 -8.52 -3.09
CA PRO B 137 -2.47 -9.23 -4.17
C PRO B 137 -3.65 -9.95 -3.52
N THR B 138 -4.80 -9.93 -4.18
CA THR B 138 -5.98 -10.59 -3.64
C THR B 138 -6.85 -11.18 -4.73
N ILE B 139 -7.61 -12.20 -4.34
CA ILE B 139 -8.54 -12.84 -5.25
C ILE B 139 -9.77 -13.22 -4.45
N GLY B 140 -10.85 -13.46 -5.16
CA GLY B 140 -12.08 -13.87 -4.50
C GLY B 140 -12.46 -15.23 -5.04
N VAL B 141 -12.98 -16.09 -4.16
CA VAL B 141 -13.45 -17.40 -4.54
C VAL B 141 -14.79 -17.53 -3.83
N ALA B 142 -15.87 -17.60 -4.61
CA ALA B 142 -17.22 -17.68 -4.07
C ALA B 142 -17.90 -19.03 -4.31
N LYS B 143 -18.83 -19.39 -3.42
CA LYS B 143 -19.56 -20.65 -3.51
C LYS B 143 -20.74 -20.57 -4.47
N ASN B 144 -21.26 -19.37 -4.69
CA ASN B 144 -22.38 -19.20 -5.62
C ASN B 144 -22.03 -18.11 -6.62
N PRO B 145 -22.72 -18.08 -7.77
CA PRO B 145 -22.48 -17.10 -8.84
C PRO B 145 -23.18 -15.75 -8.69
N PHE B 146 -23.78 -15.51 -7.52
CA PHE B 146 -24.50 -14.27 -7.29
C PHE B 146 -25.52 -14.17 -8.43
N THR B 147 -25.51 -13.04 -9.14
CA THR B 147 -26.45 -12.84 -10.24
C THR B 147 -25.78 -12.93 -11.61
N PHE B 148 -24.54 -13.42 -11.63
CA PHE B 148 -23.80 -13.53 -12.88
C PHE B 148 -24.14 -14.80 -13.64
N SER B 149 -23.96 -14.75 -14.96
CA SER B 149 -24.28 -15.88 -15.83
C SER B 149 -23.03 -16.66 -16.22
N TYR B 150 -23.21 -17.93 -16.54
CA TYR B 150 -22.09 -18.78 -16.94
C TYR B 150 -22.60 -20.09 -17.52
N GLU B 151 -21.81 -20.68 -18.39
CA GLU B 151 -22.15 -21.97 -18.97
C GLU B 151 -21.43 -23.01 -18.14
N ASP B 152 -22.05 -24.18 -17.97
CA ASP B 152 -21.43 -25.24 -17.19
C ASP B 152 -20.03 -25.54 -17.74
N PRO B 153 -19.00 -25.48 -16.88
CA PRO B 153 -17.65 -25.78 -17.36
C PRO B 153 -17.53 -27.28 -17.60
N GLY B 154 -16.42 -27.70 -18.20
CA GLY B 154 -16.21 -29.12 -18.45
C GLY B 154 -16.28 -29.90 -17.16
N ALA B 155 -16.49 -31.21 -17.26
CA ALA B 155 -16.59 -32.08 -16.09
C ALA B 155 -15.28 -32.25 -15.31
N PRO B 156 -14.15 -32.46 -16.03
CA PRO B 156 -12.86 -32.65 -15.36
C PRO B 156 -12.38 -31.47 -14.51
N ARG B 157 -11.72 -31.78 -13.41
CA ARG B 157 -11.16 -30.76 -12.53
C ARG B 157 -10.21 -29.90 -13.34
N GLY B 158 -10.32 -28.59 -13.17
CA GLY B 158 -9.48 -27.67 -13.91
C GLY B 158 -10.26 -26.97 -15.01
N SER B 159 -11.38 -27.57 -15.42
CA SER B 159 -12.21 -27.00 -16.46
C SER B 159 -12.77 -25.66 -15.98
N ALA B 160 -12.88 -24.70 -16.90
CA ALA B 160 -13.38 -23.38 -16.55
C ALA B 160 -14.30 -22.82 -17.63
N ALA B 161 -15.07 -21.81 -17.24
CA ALA B 161 -16.01 -21.15 -18.15
C ALA B 161 -16.16 -19.70 -17.71
N PRO B 162 -16.36 -18.78 -18.67
CA PRO B 162 -16.52 -17.36 -18.33
C PRO B 162 -17.71 -17.06 -17.42
N LEU B 163 -17.48 -16.20 -16.43
CA LEU B 163 -18.53 -15.77 -15.52
C LEU B 163 -18.83 -14.37 -16.04
N LEU B 164 -20.05 -14.16 -16.53
CA LEU B 164 -20.41 -12.88 -17.12
C LEU B 164 -21.39 -11.99 -16.37
N ALA B 165 -21.13 -10.69 -16.47
CA ALA B 165 -21.99 -9.66 -15.90
C ALA B 165 -22.50 -9.00 -17.18
N GLY B 166 -23.66 -9.46 -17.65
CA GLY B 166 -24.19 -8.93 -18.88
C GLY B 166 -23.42 -9.59 -20.02
N ALA B 167 -22.49 -8.86 -20.62
CA ALA B 167 -21.69 -9.41 -21.71
C ALA B 167 -20.21 -9.39 -21.34
N ASP B 168 -19.89 -8.78 -20.21
CA ASP B 168 -18.50 -8.67 -19.76
C ASP B 168 -18.09 -9.78 -18.81
N GLU B 169 -16.89 -10.30 -19.01
CA GLU B 169 -16.36 -11.34 -18.14
C GLU B 169 -15.88 -10.69 -16.85
N VAL B 170 -16.34 -11.19 -15.71
CA VAL B 170 -15.95 -10.64 -14.42
C VAL B 170 -15.30 -11.72 -13.55
N GLY B 171 -15.15 -12.91 -14.13
CA GLY B 171 -14.53 -14.01 -13.41
C GLY B 171 -14.71 -15.30 -14.17
N ARG B 172 -14.56 -16.43 -13.49
CA ARG B 172 -14.73 -17.72 -14.13
C ARG B 172 -15.36 -18.72 -13.20
N ALA B 173 -16.17 -19.61 -13.77
CA ALA B 173 -16.78 -20.69 -13.02
C ALA B 173 -15.69 -21.74 -13.15
N LEU B 174 -15.17 -22.20 -12.02
CA LEU B 174 -14.07 -23.16 -12.00
C LEU B 174 -14.40 -24.50 -11.37
N ARG B 175 -14.10 -25.57 -12.11
CA ARG B 175 -14.34 -26.92 -11.62
C ARG B 175 -13.14 -27.32 -10.78
N THR B 176 -13.28 -27.24 -9.45
CA THR B 176 -12.19 -27.60 -8.56
C THR B 176 -12.16 -29.11 -8.31
N GLN B 177 -13.31 -29.75 -8.48
CA GLN B 177 -13.41 -31.20 -8.29
C GLN B 177 -14.37 -31.80 -9.31
N SER B 178 -13.95 -32.91 -9.91
CA SER B 178 -14.77 -33.60 -10.91
C SER B 178 -16.06 -34.11 -10.27
N GLY B 179 -17.18 -33.94 -10.98
CA GLY B 179 -18.45 -34.39 -10.47
C GLY B 179 -18.99 -33.55 -9.34
N VAL B 180 -18.40 -32.37 -9.15
CA VAL B 180 -18.82 -31.46 -8.09
C VAL B 180 -19.09 -30.09 -8.70
N LYS B 181 -20.10 -29.38 -8.22
CA LYS B 181 -20.39 -28.08 -8.80
C LYS B 181 -19.20 -27.14 -8.64
N PRO B 182 -19.01 -26.25 -9.63
CA PRO B 182 -17.90 -25.30 -9.63
C PRO B 182 -17.99 -24.18 -8.61
N VAL B 183 -16.85 -23.50 -8.43
CA VAL B 183 -16.78 -22.35 -7.55
C VAL B 183 -16.61 -21.18 -8.50
N PHE B 184 -16.66 -19.96 -7.98
CA PHE B 184 -16.58 -18.78 -8.84
C PHE B 184 -15.44 -17.88 -8.43
N VAL B 185 -14.44 -17.83 -9.31
CA VAL B 185 -13.22 -17.08 -9.07
C VAL B 185 -13.19 -15.72 -9.76
N SER B 186 -12.75 -14.71 -9.02
CA SER B 186 -12.66 -13.38 -9.57
C SER B 186 -11.39 -12.69 -9.08
N VAL B 187 -10.83 -11.86 -9.96
CA VAL B 187 -9.63 -11.12 -9.64
C VAL B 187 -9.99 -10.12 -8.55
N GLY B 188 -9.07 -9.93 -7.62
CA GLY B 188 -9.31 -8.96 -6.57
C GLY B 188 -8.47 -7.74 -6.86
N HIS B 189 -7.16 -7.94 -6.80
CA HIS B 189 -6.21 -6.85 -7.02
C HIS B 189 -4.81 -7.45 -7.25
N ARG B 190 -4.09 -6.89 -8.22
CA ARG B 190 -2.72 -7.31 -8.51
C ARG B 190 -2.53 -8.79 -8.87
N VAL B 191 -3.56 -9.38 -9.45
CA VAL B 191 -3.53 -10.77 -9.88
C VAL B 191 -4.38 -10.83 -11.15
N ASP B 192 -4.05 -11.74 -12.06
CA ASP B 192 -4.86 -11.87 -13.28
C ASP B 192 -5.75 -13.09 -13.14
N LEU B 193 -6.75 -13.21 -14.01
CA LEU B 193 -7.69 -14.33 -13.93
C LEU B 193 -7.06 -15.71 -14.04
N ASP B 194 -6.11 -15.86 -14.95
CA ASP B 194 -5.44 -17.15 -15.10
C ASP B 194 -4.75 -17.55 -13.78
N HIS B 195 -4.11 -16.59 -13.13
CA HIS B 195 -3.44 -16.88 -11.87
C HIS B 195 -4.42 -17.11 -10.73
N ALA B 196 -5.52 -16.37 -10.73
CA ALA B 196 -6.53 -16.53 -9.70
C ALA B 196 -7.05 -17.96 -9.74
N CYS B 197 -7.30 -18.46 -10.94
CA CYS B 197 -7.78 -19.83 -11.11
C CYS B 197 -6.69 -20.83 -10.77
N ALA B 198 -5.45 -20.54 -11.16
CA ALA B 198 -4.35 -21.44 -10.88
C ALA B 198 -4.18 -21.59 -9.36
N HIS B 199 -4.27 -20.47 -8.64
CA HIS B 199 -4.13 -20.51 -7.19
C HIS B 199 -5.30 -21.27 -6.58
N THR B 200 -6.48 -21.10 -7.16
CA THR B 200 -7.66 -21.79 -6.62
C THR B 200 -7.54 -23.30 -6.77
N LEU B 201 -7.00 -23.76 -7.91
CA LEU B 201 -6.82 -25.19 -8.10
C LEU B 201 -5.76 -25.70 -7.14
N ALA B 202 -4.70 -24.92 -6.95
CA ALA B 202 -3.64 -25.33 -6.03
C ALA B 202 -4.18 -25.49 -4.61
N LEU B 203 -5.16 -24.66 -4.25
CA LEU B 203 -5.75 -24.69 -2.92
C LEU B 203 -6.86 -25.71 -2.74
N THR B 204 -7.16 -26.46 -3.79
CA THR B 204 -8.23 -27.46 -3.73
C THR B 204 -7.77 -28.84 -4.21
N PRO B 205 -6.76 -29.42 -3.56
CA PRO B 205 -6.30 -30.75 -3.99
C PRO B 205 -7.31 -31.87 -3.71
N LYS B 206 -8.13 -31.68 -2.68
CA LYS B 206 -9.10 -32.69 -2.30
C LYS B 206 -10.55 -32.22 -2.25
N TYR B 207 -10.78 -31.06 -1.67
CA TYR B 207 -12.13 -30.52 -1.54
C TYR B 207 -12.51 -29.47 -2.58
N ARG B 208 -13.80 -29.18 -2.64
CA ARG B 208 -14.34 -28.20 -3.57
C ARG B 208 -13.95 -26.77 -3.18
N ILE B 209 -14.02 -26.48 -1.89
CA ILE B 209 -13.71 -25.15 -1.35
C ILE B 209 -12.23 -25.03 -1.01
N PRO B 210 -11.59 -23.91 -1.41
CA PRO B 210 -10.16 -23.73 -1.11
C PRO B 210 -9.85 -23.89 0.38
N GLU B 211 -8.69 -24.47 0.69
CA GLU B 211 -8.33 -24.70 2.09
C GLU B 211 -8.18 -23.41 2.88
N THR B 212 -7.87 -22.32 2.20
CA THR B 212 -7.75 -21.03 2.87
C THR B 212 -9.11 -20.64 3.47
N THR B 213 -10.16 -20.88 2.69
CA THR B 213 -11.52 -20.57 3.15
C THR B 213 -11.96 -21.54 4.24
N ARG B 214 -11.68 -22.83 4.04
CA ARG B 214 -12.07 -23.82 5.04
C ARG B 214 -11.45 -23.48 6.39
N ARG B 215 -10.16 -23.13 6.38
CA ARG B 215 -9.46 -22.79 7.61
C ARG B 215 -10.00 -21.51 8.25
N ALA B 216 -10.10 -20.45 7.46
CA ALA B 216 -10.60 -19.17 7.98
C ALA B 216 -12.04 -19.27 8.48
N ASP B 217 -12.86 -20.01 7.77
CA ASP B 217 -14.26 -20.18 8.14
C ASP B 217 -14.38 -20.86 9.51
N SER B 218 -13.67 -21.97 9.68
CA SER B 218 -13.73 -22.69 10.95
C SER B 218 -13.25 -21.82 12.10
N LEU B 219 -12.16 -21.07 11.87
CA LEU B 219 -11.60 -20.23 12.91
C LEU B 219 -12.47 -19.05 13.35
N CYS B 220 -13.04 -18.30 12.40
CA CYS B 220 -13.86 -17.16 12.82
C CYS B 220 -15.14 -17.63 13.49
N ARG B 221 -15.61 -18.83 13.13
CA ARG B 221 -16.81 -19.37 13.74
C ARG B 221 -16.55 -19.73 15.20
N ARG B 222 -15.40 -20.33 15.48
CA ARG B 222 -15.06 -20.69 16.84
C ARG B 222 -14.83 -19.43 17.67
N ALA B 223 -14.14 -18.45 17.08
CA ALA B 223 -13.85 -17.21 17.77
C ALA B 223 -15.14 -16.47 18.12
N LEU B 224 -16.13 -16.56 17.24
CA LEU B 224 -17.41 -15.89 17.48
C LEU B 224 -18.12 -16.54 18.66
N LYS B 225 -18.12 -17.87 18.69
CA LYS B 225 -18.78 -18.58 19.79
C LYS B 225 -18.14 -18.19 21.12
N GLU B 226 -16.81 -18.07 21.12
CA GLU B 226 -16.09 -17.71 22.34
C GLU B 226 -16.31 -16.26 22.73
N ALA B 227 -16.54 -15.40 21.75
CA ALA B 227 -16.76 -13.99 22.00
C ALA B 227 -18.12 -13.71 22.64
N THR B 228 -19.14 -14.45 22.21
CA THR B 228 -20.49 -14.26 22.72
C THR B 228 -20.84 -15.19 23.88
N ALA B 229 -19.85 -15.96 24.33
CA ALA B 229 -20.07 -16.90 25.43
C ALA B 229 -20.12 -16.17 26.76
#